data_4E7P
#
_entry.id   4E7P
#
_cell.length_a   75.837
_cell.length_b   83.984
_cell.length_c   49.511
_cell.angle_alpha   90.00
_cell.angle_beta   90.00
_cell.angle_gamma   90.00
#
_symmetry.space_group_name_H-M   'P 21 21 21'
#
loop_
_entity.id
_entity.type
_entity.pdbx_description
1 polymer 'Response regulator'
2 non-polymer 'MAGNESIUM ION'
3 non-polymer 'BERYLLIUM TRIFLUORIDE ION'
4 water water
#
_entity_poly.entity_id   1
_entity_poly.type   'polypeptide(L)'
_entity_poly.pdbx_seq_one_letter_code
;MGSSHHHHHHSSGLVPRGSHMKVLVAEDQSMLRDAMCQLLTLQPDVESVLQAKNGQEAIQLLEKESVDIAILDVEMPVKT
GLEVLEWIRSEKLETKVVVVTTFKRAGYFERAVKAGVDAYVLKERSIADLMQTLHTVLEGRKEYSPELME
;
_entity_poly.pdbx_strand_id   A,B
#
loop_
_chem_comp.id
_chem_comp.type
_chem_comp.name
_chem_comp.formula
BEF non-polymer 'BERYLLIUM TRIFLUORIDE ION' 'Be F3 -1'
MG non-polymer 'MAGNESIUM ION' 'Mg 2'
#
# COMPACT_ATOMS: atom_id res chain seq x y z
N HIS A 20 18.67 16.78 0.81
CA HIS A 20 17.48 15.97 1.05
C HIS A 20 17.64 14.58 0.45
N MET A 21 16.65 14.11 -0.32
CA MET A 21 16.69 12.71 -0.75
C MET A 21 17.78 12.41 -1.77
N LYS A 22 18.54 11.34 -1.51
CA LYS A 22 19.55 10.86 -2.43
C LYS A 22 18.96 9.69 -3.20
N VAL A 23 18.84 9.85 -4.51
CA VAL A 23 18.14 8.88 -5.34
C VAL A 23 19.13 8.15 -6.25
N LEU A 24 18.84 6.89 -6.52
CA LEU A 24 19.55 6.12 -7.52
C LEU A 24 18.53 5.64 -8.54
N VAL A 25 18.82 5.81 -9.83
CA VAL A 25 17.94 5.30 -10.87
C VAL A 25 18.69 4.29 -11.71
N ALA A 26 18.23 3.04 -11.70
CA ALA A 26 18.81 2.02 -12.57
C ALA A 26 17.82 1.70 -13.69
N GLU A 27 18.21 1.99 -14.92
CA GLU A 27 17.32 1.86 -16.06
C GLU A 27 18.19 1.75 -17.31
N ASP A 28 18.00 0.71 -18.11
CA ASP A 28 18.92 0.49 -19.21
C ASP A 28 18.56 1.23 -20.50
N GLN A 29 17.37 1.80 -20.57
CA GLN A 29 17.04 2.65 -21.71
C GLN A 29 17.51 4.07 -21.44
N SER A 30 18.53 4.51 -22.20
CA SER A 30 19.21 5.77 -21.93
C SER A 30 18.28 6.98 -21.88
N MET A 31 17.37 7.05 -22.84
CA MET A 31 16.53 8.23 -22.99
C MET A 31 15.60 8.37 -21.82
N LEU A 32 14.97 7.27 -21.43
CA LEU A 32 14.09 7.27 -20.26
C LEU A 32 14.88 7.59 -18.99
N ARG A 33 16.01 6.91 -18.80
CA ARG A 33 16.81 7.16 -17.59
C ARG A 33 17.20 8.65 -17.50
N ASP A 34 17.74 9.17 -18.59
CA ASP A 34 18.14 10.58 -18.68
C ASP A 34 16.96 11.49 -18.31
N ALA A 35 15.82 11.27 -18.94
CA ALA A 35 14.65 12.11 -18.73
C ALA A 35 14.14 12.04 -17.28
N MET A 36 14.04 10.84 -16.73
CA MET A 36 13.62 10.64 -15.34
C MET A 36 14.53 11.41 -14.38
N CYS A 37 15.83 11.29 -14.62
CA CYS A 37 16.82 11.88 -13.73
C CYS A 37 16.82 13.40 -13.79
N GLN A 38 16.64 13.96 -14.97
CA GLN A 38 16.57 15.42 -15.10
C GLN A 38 15.38 15.97 -14.34
N LEU A 39 14.22 15.34 -14.49
CA LEU A 39 13.02 15.79 -13.80
C LEU A 39 13.13 15.61 -12.29
N LEU A 40 13.78 14.54 -11.87
CA LEU A 40 14.01 14.30 -10.46
C LEU A 40 14.93 15.39 -9.89
N THR A 41 15.98 15.73 -10.64
CA THR A 41 16.94 16.71 -10.18
C THR A 41 16.30 18.09 -10.03
N LEU A 42 15.25 18.33 -10.79
CA LEU A 42 14.49 19.58 -10.72
C LEU A 42 13.58 19.67 -9.50
N GLN A 43 13.40 18.55 -8.81
CA GLN A 43 12.60 18.56 -7.59
C GLN A 43 13.38 19.24 -6.46
N PRO A 44 12.72 20.15 -5.73
CA PRO A 44 13.39 20.92 -4.68
C PRO A 44 13.87 20.06 -3.51
N ASP A 45 13.18 18.97 -3.23
CA ASP A 45 13.61 18.08 -2.13
C ASP A 45 14.52 16.94 -2.57
N VAL A 46 15.01 17.00 -3.81
CA VAL A 46 15.96 16.02 -4.27
C VAL A 46 17.36 16.61 -4.23
N GLU A 47 18.23 15.96 -3.47
CA GLU A 47 19.60 16.42 -3.29
C GLU A 47 20.52 15.95 -4.42
N SER A 48 20.40 14.68 -4.79
CA SER A 48 21.24 14.14 -5.86
C SER A 48 20.61 12.91 -6.48
N VAL A 49 20.97 12.67 -7.75
CA VAL A 49 20.47 11.50 -8.48
C VAL A 49 21.65 10.77 -9.13
N LEU A 50 21.88 9.53 -8.69
CA LEU A 50 22.88 8.67 -9.29
C LEU A 50 22.24 7.84 -10.40
N GLN A 51 23.02 7.53 -11.44
CA GLN A 51 22.49 6.76 -12.55
C GLN A 51 23.27 5.46 -12.75
N ALA A 52 22.53 4.38 -13.00
CA ALA A 52 23.12 3.10 -13.35
C ALA A 52 22.42 2.60 -14.61
N LYS A 53 23.16 2.03 -15.55
CA LYS A 53 22.56 1.58 -16.79
C LYS A 53 22.30 0.08 -16.77
N ASN A 54 22.74 -0.57 -15.69
CA ASN A 54 22.46 -1.98 -15.52
C ASN A 54 22.50 -2.37 -14.05
N GLY A 55 22.11 -3.59 -13.74
CA GLY A 55 22.00 -4.02 -12.36
C GLY A 55 23.33 -4.10 -11.63
N GLN A 56 24.40 -4.41 -12.36
CA GLN A 56 25.72 -4.48 -11.75
C GLN A 56 26.23 -3.09 -11.37
N GLU A 57 26.04 -2.11 -12.23
CA GLU A 57 26.45 -0.74 -11.90
C GLU A 57 25.69 -0.24 -10.68
N ALA A 58 24.41 -0.58 -10.58
CA ALA A 58 23.59 -0.18 -9.44
C ALA A 58 24.19 -0.71 -8.13
N ILE A 59 24.56 -1.99 -8.11
CA ILE A 59 25.19 -2.55 -6.92
C ILE A 59 26.54 -1.90 -6.61
N GLN A 60 27.35 -1.63 -7.63
CA GLN A 60 28.63 -0.98 -7.39
C GLN A 60 28.45 0.40 -6.77
N LEU A 61 27.43 1.13 -7.20
CA LEU A 61 27.18 2.44 -6.63
C LEU A 61 26.70 2.32 -5.19
N LEU A 62 25.85 1.34 -4.93
CA LEU A 62 25.28 1.11 -3.59
C LEU A 62 26.33 0.63 -2.59
N GLU A 63 27.47 0.15 -3.09
CA GLU A 63 28.59 -0.25 -2.24
C GLU A 63 29.52 0.93 -2.01
N LYS A 64 29.14 2.10 -2.51
CA LYS A 64 30.00 3.26 -2.39
C LYS A 64 29.35 4.50 -1.81
N GLU A 65 28.08 4.73 -2.14
CA GLU A 65 27.39 5.93 -1.67
C GLU A 65 26.08 5.55 -1.00
N SER A 66 25.63 6.38 -0.07
CA SER A 66 24.35 6.16 0.58
C SER A 66 23.23 6.57 -0.37
N VAL A 67 22.16 5.80 -0.36
CA VAL A 67 21.01 6.07 -1.20
C VAL A 67 19.74 5.94 -0.39
N ASP A 68 18.91 6.97 -0.43
CA ASP A 68 17.64 6.92 0.31
C ASP A 68 16.57 6.11 -0.43
N ILE A 69 16.56 6.22 -1.75
CA ILE A 69 15.61 5.50 -2.58
C ILE A 69 16.30 5.01 -3.85
N ALA A 70 16.14 3.74 -4.16
CA ALA A 70 16.63 3.20 -5.42
C ALA A 70 15.42 2.90 -6.29
N ILE A 71 15.41 3.47 -7.50
CA ILE A 71 14.32 3.24 -8.45
C ILE A 71 14.86 2.32 -9.51
N LEU A 72 14.28 1.13 -9.63
CA LEU A 72 14.92 0.05 -10.38
C LEU A 72 14.04 -0.56 -11.47
N ASP A 73 14.55 -0.55 -12.69
CA ASP A 73 13.94 -1.25 -13.82
C ASP A 73 14.11 -2.73 -13.54
N VAL A 74 13.20 -3.56 -14.02
CA VAL A 74 13.38 -5.00 -13.87
C VAL A 74 14.34 -5.54 -14.93
N GLU A 75 13.97 -5.47 -16.20
CA GLU A 75 14.80 -6.05 -17.27
C GLU A 75 15.94 -5.13 -17.71
N MET A 76 17.12 -5.40 -17.15
CA MET A 76 18.36 -4.70 -17.49
C MET A 76 19.46 -5.75 -17.61
N PRO A 77 20.56 -5.41 -18.29
CA PRO A 77 21.72 -6.31 -18.42
C PRO A 77 22.39 -6.73 -17.13
N VAL A 78 23.06 -7.88 -17.19
CA VAL A 78 23.87 -8.40 -16.11
C VAL A 78 23.04 -8.85 -14.91
N LYS A 79 22.38 -7.90 -14.25
CA LYS A 79 21.51 -8.21 -13.12
C LYS A 79 20.22 -7.39 -13.14
N THR A 80 19.08 -8.07 -13.01
CA THR A 80 17.79 -7.41 -13.04
C THR A 80 17.61 -6.55 -11.78
N GLY A 81 16.66 -5.62 -11.80
CA GLY A 81 16.35 -4.84 -10.61
C GLY A 81 15.82 -5.68 -9.47
N LEU A 82 15.27 -6.84 -9.78
CA LEU A 82 14.80 -7.76 -8.74
C LEU A 82 15.98 -8.37 -7.99
N GLU A 83 17.07 -8.64 -8.71
CA GLU A 83 18.29 -9.08 -8.06
C GLU A 83 18.94 -7.96 -7.25
N VAL A 84 18.93 -6.74 -7.77
CA VAL A 84 19.47 -5.62 -7.01
C VAL A 84 18.66 -5.44 -5.72
N LEU A 85 17.34 -5.53 -5.82
CA LEU A 85 16.46 -5.45 -4.66
C LEU A 85 16.80 -6.52 -3.61
N GLU A 86 16.98 -7.76 -4.04
CA GLU A 86 17.36 -8.82 -3.12
C GLU A 86 18.74 -8.56 -2.50
N TRP A 87 19.68 -8.02 -3.27
CA TRP A 87 20.99 -7.66 -2.73
C TRP A 87 20.88 -6.56 -1.68
N ILE A 88 20.12 -5.51 -1.97
CA ILE A 88 19.92 -4.43 -1.01
C ILE A 88 19.35 -5.00 0.31
N ARG A 89 18.33 -5.85 0.19
CA ARG A 89 17.71 -6.45 1.36
C ARG A 89 18.66 -7.38 2.13
N SER A 90 19.51 -8.10 1.41
CA SER A 90 20.46 -8.99 2.08
C SER A 90 21.54 -8.20 2.83
N GLU A 91 21.84 -6.99 2.35
CA GLU A 91 22.80 -6.12 3.02
C GLU A 91 22.10 -5.25 4.06
N LYS A 92 20.79 -5.36 4.16
CA LYS A 92 19.99 -4.58 5.10
C LYS A 92 20.22 -3.06 5.00
N LEU A 93 20.46 -2.56 3.80
CA LEU A 93 20.62 -1.11 3.62
C LEU A 93 19.35 -0.37 4.00
N GLU A 94 19.49 0.84 4.55
CA GLU A 94 18.34 1.70 4.81
C GLU A 94 17.98 2.43 3.52
N THR A 95 17.45 1.68 2.58
CA THR A 95 17.18 2.22 1.25
C THR A 95 15.81 1.75 0.83
N LYS A 96 14.94 2.69 0.50
CA LYS A 96 13.64 2.32 -0.02
C LYS A 96 13.83 1.89 -1.47
N VAL A 97 13.07 0.89 -1.90
CA VAL A 97 13.18 0.39 -3.27
C VAL A 97 11.83 0.48 -3.98
N VAL A 98 11.84 1.18 -5.12
CA VAL A 98 10.69 1.32 -5.98
C VAL A 98 11.05 0.65 -7.30
N VAL A 99 10.39 -0.47 -7.59
CA VAL A 99 10.59 -1.11 -8.89
C VAL A 99 9.68 -0.44 -9.90
N VAL A 100 10.25 -0.06 -11.05
CA VAL A 100 9.48 0.56 -12.11
C VAL A 100 9.68 -0.25 -13.39
N THR A 101 8.59 -0.72 -13.99
CA THR A 101 8.72 -1.68 -15.08
C THR A 101 7.60 -1.58 -16.11
N THR A 102 7.91 -1.92 -17.36
CA THR A 102 6.89 -2.03 -18.39
C THR A 102 6.05 -3.28 -18.18
N PHE A 103 6.63 -4.29 -17.54
CA PHE A 103 6.08 -5.65 -17.60
C PHE A 103 5.11 -6.00 -16.47
N LYS A 104 4.00 -6.65 -16.84
CA LYS A 104 2.95 -7.02 -15.90
C LYS A 104 3.08 -8.47 -15.44
N ARG A 105 4.18 -9.09 -15.83
CA ARG A 105 4.48 -10.46 -15.45
C ARG A 105 4.27 -10.72 -13.94
N ALA A 106 3.41 -11.67 -13.60
CA ALA A 106 3.12 -12.00 -12.20
C ALA A 106 4.36 -12.47 -11.45
N GLY A 107 5.25 -13.20 -12.13
CA GLY A 107 6.46 -13.69 -11.51
C GLY A 107 7.35 -12.56 -11.00
N TYR A 108 7.46 -11.49 -11.80
CA TYR A 108 8.25 -10.33 -11.42
C TYR A 108 7.69 -9.72 -10.14
N PHE A 109 6.38 -9.54 -10.12
CA PHE A 109 5.70 -8.91 -8.99
C PHE A 109 5.81 -9.77 -7.73
N GLU A 110 5.62 -11.07 -7.88
CA GLU A 110 5.72 -11.99 -6.75
C GLU A 110 7.14 -12.01 -6.18
N ARG A 111 8.14 -11.96 -7.05
CA ARG A 111 9.52 -11.92 -6.58
C ARG A 111 9.81 -10.63 -5.81
N ALA A 112 9.30 -9.51 -6.30
CA ALA A 112 9.52 -8.22 -5.64
C ALA A 112 8.88 -8.18 -4.24
N VAL A 113 7.63 -8.63 -4.15
CA VAL A 113 6.92 -8.68 -2.86
C VAL A 113 7.61 -9.58 -1.84
N LYS A 114 8.05 -10.75 -2.26
CA LYS A 114 8.79 -11.64 -1.36
C LYS A 114 10.07 -10.98 -0.82
N ALA A 115 10.64 -10.06 -1.58
CA ALA A 115 11.85 -9.35 -1.14
C ALA A 115 11.52 -8.05 -0.42
N GLY A 116 10.24 -7.86 -0.12
CA GLY A 116 9.82 -6.69 0.63
C GLY A 116 10.03 -5.38 -0.11
N VAL A 117 9.71 -5.38 -1.40
CA VAL A 117 9.81 -4.16 -2.20
C VAL A 117 8.90 -3.10 -1.57
N ASP A 118 9.32 -1.84 -1.63
CA ASP A 118 8.53 -0.76 -1.04
C ASP A 118 7.41 -0.26 -1.96
N ALA A 119 7.67 -0.23 -3.26
CA ALA A 119 6.64 0.13 -4.22
C ALA A 119 6.91 -0.58 -5.54
N TYR A 120 5.84 -0.87 -6.27
CA TYR A 120 5.96 -1.55 -7.55
C TYR A 120 5.06 -0.84 -8.54
N VAL A 121 5.69 -0.15 -9.50
CA VAL A 121 5.02 0.82 -10.36
C VAL A 121 5.21 0.48 -11.83
N LEU A 122 4.11 0.40 -12.56
CA LEU A 122 4.17 0.17 -14.00
C LEU A 122 4.53 1.45 -14.75
N LYS A 123 5.24 1.32 -15.86
CA LYS A 123 5.60 2.49 -16.65
C LYS A 123 4.41 3.09 -17.41
N GLU A 124 3.22 2.53 -17.21
CA GLU A 124 2.01 3.19 -17.67
C GLU A 124 1.55 4.32 -16.73
N ARG A 125 2.21 4.46 -15.59
CA ARG A 125 1.98 5.58 -14.68
C ARG A 125 2.72 6.82 -15.16
N SER A 126 2.40 7.97 -14.57
CA SER A 126 3.02 9.23 -14.97
C SER A 126 4.20 9.56 -14.07
N ILE A 127 4.96 10.58 -14.44
CA ILE A 127 6.05 11.05 -13.61
C ILE A 127 5.51 11.58 -12.28
N ALA A 128 4.37 12.29 -12.34
CA ALA A 128 3.72 12.75 -11.11
C ALA A 128 3.36 11.58 -10.18
N ASP A 129 2.81 10.51 -10.76
CA ASP A 129 2.55 9.29 -10.00
C ASP A 129 3.84 8.81 -9.34
N LEU A 130 4.90 8.68 -10.13
CA LEU A 130 6.19 8.23 -9.61
C LEU A 130 6.65 9.14 -8.47
N MET A 131 6.52 10.44 -8.65
CA MET A 131 6.94 11.40 -7.62
C MET A 131 6.20 11.14 -6.32
N GLN A 132 4.88 11.01 -6.40
CA GLN A 132 4.05 10.74 -5.24
C GLN A 132 4.46 9.43 -4.57
N THR A 133 4.84 8.44 -5.37
CA THR A 133 5.29 7.15 -4.85
C THR A 133 6.55 7.29 -3.99
N LEU A 134 7.46 8.14 -4.43
CA LEU A 134 8.70 8.39 -3.72
C LEU A 134 8.43 8.91 -2.30
N HIS A 135 7.49 9.86 -2.19
CA HIS A 135 7.09 10.37 -0.89
C HIS A 135 6.41 9.30 -0.02
N THR A 136 5.56 8.49 -0.65
CA THR A 136 4.89 7.40 0.04
C THR A 136 5.87 6.45 0.75
N VAL A 137 6.87 5.96 0.02
CA VAL A 137 7.81 5.00 0.59
C VAL A 137 8.71 5.65 1.64
N LEU A 138 9.04 6.91 1.44
CA LEU A 138 9.84 7.63 2.42
C LEU A 138 9.01 7.83 3.69
N GLU A 139 7.69 7.95 3.54
CA GLU A 139 6.78 8.04 4.67
C GLU A 139 6.58 6.68 5.33
N GLY A 140 7.31 5.69 4.82
CA GLY A 140 7.31 4.35 5.42
C GLY A 140 6.13 3.49 5.02
N ARG A 141 5.42 3.90 3.96
CA ARG A 141 4.30 3.12 3.47
C ARG A 141 4.61 2.43 2.13
N LYS A 142 3.70 1.58 1.67
CA LYS A 142 3.94 0.84 0.45
C LYS A 142 2.92 1.19 -0.64
N GLU A 143 3.27 0.86 -1.88
CA GLU A 143 2.35 1.08 -2.99
C GLU A 143 2.58 0.04 -4.09
N TYR A 144 1.54 -0.73 -4.39
CA TYR A 144 1.61 -1.74 -5.43
C TYR A 144 0.66 -1.44 -6.57
N SER A 145 1.15 -1.61 -7.79
CA SER A 145 0.32 -1.44 -8.97
C SER A 145 -1.03 -2.15 -8.79
N PRO A 146 -2.13 -1.43 -8.98
CA PRO A 146 -3.46 -2.03 -8.97
C PRO A 146 -3.57 -3.18 -9.97
N GLU A 147 -2.99 -3.03 -11.15
CA GLU A 147 -3.05 -4.09 -12.17
C GLU A 147 -2.53 -5.41 -11.63
N LEU A 148 -1.42 -5.35 -10.92
CA LEU A 148 -0.74 -6.56 -10.47
C LEU A 148 -1.43 -7.19 -9.26
N MET A 149 -2.00 -6.36 -8.40
CA MET A 149 -2.83 -6.88 -7.32
C MET A 149 -3.96 -7.67 -7.96
N GLU A 150 -4.29 -7.31 -9.20
CA GLU A 150 -5.23 -8.04 -10.05
C GLU A 150 -6.67 -7.68 -9.72
N HIS B 20 -13.64 15.37 11.78
CA HIS B 20 -14.38 15.38 10.53
C HIS B 20 -14.71 13.98 10.00
N MET B 21 -13.88 13.00 10.34
CA MET B 21 -14.08 11.61 9.92
C MET B 21 -15.39 11.02 10.44
N LYS B 22 -16.23 10.50 9.53
CA LYS B 22 -17.43 9.77 9.94
C LYS B 22 -17.20 8.27 9.75
N VAL B 23 -17.16 7.54 10.85
CA VAL B 23 -16.68 6.17 10.84
C VAL B 23 -17.80 5.17 11.15
N LEU B 24 -17.80 4.06 10.44
CA LEU B 24 -18.69 2.96 10.78
C LEU B 24 -17.82 1.78 11.22
N VAL B 25 -18.16 1.18 12.35
CA VAL B 25 -17.45 -0.02 12.78
C VAL B 25 -18.40 -1.20 12.84
N ALA B 26 -18.14 -2.21 12.02
CA ALA B 26 -18.95 -3.42 12.04
C ALA B 26 -18.10 -4.54 12.64
N GLU B 27 -18.51 -5.02 13.81
CA GLU B 27 -17.76 -6.02 14.57
C GLU B 27 -18.73 -6.73 15.49
N ASP B 28 -18.75 -8.05 15.44
CA ASP B 28 -19.75 -8.82 16.18
C ASP B 28 -19.40 -9.09 17.65
N GLN B 29 -18.12 -8.97 18.01
CA GLN B 29 -17.75 -9.13 19.42
C GLN B 29 -17.95 -7.81 20.14
N SER B 30 -18.92 -7.77 21.05
CA SER B 30 -19.32 -6.51 21.69
C SER B 30 -18.16 -5.81 22.37
N MET B 31 -17.37 -6.56 23.12
CA MET B 31 -16.29 -5.94 23.88
C MET B 31 -15.27 -5.23 22.99
N LEU B 32 -14.86 -5.86 21.89
CA LEU B 32 -13.91 -5.25 20.97
C LEU B 32 -14.52 -4.06 20.22
N ARG B 33 -15.74 -4.23 19.72
CA ARG B 33 -16.42 -3.13 19.02
C ARG B 33 -16.51 -1.91 19.93
N ASP B 34 -16.98 -2.13 21.16
CA ASP B 34 -17.13 -1.06 22.13
C ASP B 34 -15.79 -0.39 22.36
N ALA B 35 -14.77 -1.19 22.65
CA ALA B 35 -13.45 -0.64 22.94
C ALA B 35 -12.88 0.16 21.75
N MET B 36 -12.97 -0.43 20.56
CA MET B 36 -12.52 0.25 19.33
C MET B 36 -13.23 1.58 19.14
N CYS B 37 -14.54 1.59 19.31
CA CYS B 37 -15.35 2.78 19.08
C CYS B 37 -15.09 3.87 20.10
N GLN B 38 -14.89 3.47 21.36
CA GLN B 38 -14.55 4.43 22.41
C GLN B 38 -13.24 5.12 22.07
N LEU B 39 -12.24 4.34 21.66
CA LEU B 39 -10.95 4.94 21.33
C LEU B 39 -11.01 5.77 20.05
N LEU B 40 -11.81 5.35 19.09
CA LEU B 40 -11.95 6.14 17.86
C LEU B 40 -12.59 7.50 18.17
N THR B 41 -13.59 7.49 19.05
CA THR B 41 -14.30 8.71 19.42
C THR B 41 -13.41 9.77 20.09
N LEU B 42 -12.34 9.31 20.74
CA LEU B 42 -11.40 10.19 21.43
C LEU B 42 -10.37 10.79 20.48
N GLN B 43 -10.34 10.30 19.24
CA GLN B 43 -9.43 10.86 18.24
C GLN B 43 -9.92 12.23 17.78
N PRO B 44 -9.00 13.18 17.65
CA PRO B 44 -9.29 14.58 17.31
C PRO B 44 -9.99 14.75 15.96
N ASP B 45 -9.65 13.92 14.99
CA ASP B 45 -10.19 14.08 13.65
C ASP B 45 -11.41 13.19 13.40
N VAL B 46 -11.91 12.56 14.45
CA VAL B 46 -13.09 11.70 14.35
C VAL B 46 -14.36 12.39 14.83
N GLU B 47 -15.26 12.64 13.90
CA GLU B 47 -16.53 13.31 14.20
C GLU B 47 -17.52 12.38 14.92
N SER B 48 -17.64 11.16 14.42
CA SER B 48 -18.63 10.23 14.96
C SER B 48 -18.33 8.80 14.55
N VAL B 49 -18.88 7.86 15.31
CA VAL B 49 -18.67 6.44 15.09
C VAL B 49 -19.98 5.67 15.16
N LEU B 50 -20.39 5.10 14.03
CA LEU B 50 -21.58 4.25 14.00
C LEU B 50 -21.17 2.82 14.29
N GLN B 51 -22.03 2.07 14.98
CA GLN B 51 -21.73 0.68 15.33
C GLN B 51 -22.69 -0.30 14.66
N ALA B 52 -22.15 -1.41 14.18
CA ALA B 52 -22.97 -2.49 13.63
C ALA B 52 -22.48 -3.84 14.19
N LYS B 53 -23.41 -4.71 14.58
CA LYS B 53 -23.01 -5.99 15.16
C LYS B 53 -22.89 -7.10 14.13
N ASN B 54 -23.33 -6.82 12.92
CA ASN B 54 -23.20 -7.80 11.84
C ASN B 54 -23.24 -7.09 10.50
N GLY B 55 -23.07 -7.83 9.40
CA GLY B 55 -23.00 -7.23 8.07
C GLY B 55 -24.31 -6.64 7.63
N GLN B 56 -25.42 -7.18 8.16
CA GLN B 56 -26.74 -6.67 7.79
C GLN B 56 -26.97 -5.27 8.36
N GLU B 57 -26.73 -5.11 9.66
CA GLU B 57 -26.81 -3.79 10.28
C GLU B 57 -25.87 -2.81 9.58
N ALA B 58 -24.74 -3.32 9.12
CA ALA B 58 -23.75 -2.46 8.46
C ALA B 58 -24.35 -1.89 7.18
N ILE B 59 -24.87 -2.75 6.32
CA ILE B 59 -25.49 -2.28 5.09
C ILE B 59 -26.68 -1.35 5.36
N GLN B 60 -27.47 -1.66 6.38
CA GLN B 60 -28.60 -0.80 6.74
C GLN B 60 -28.16 0.60 7.10
N LEU B 61 -27.03 0.72 7.80
CA LEU B 61 -26.53 2.03 8.17
C LEU B 61 -25.95 2.75 6.95
N LEU B 62 -25.26 2.03 6.09
CA LEU B 62 -24.70 2.62 4.88
C LEU B 62 -25.81 3.08 3.93
N GLU B 63 -27.00 2.49 4.06
CA GLU B 63 -28.13 2.87 3.20
C GLU B 63 -28.81 4.15 3.69
N LYS B 64 -28.44 4.61 4.89
CA LYS B 64 -29.12 5.72 5.56
C LYS B 64 -28.23 6.89 5.96
N GLU B 65 -26.97 6.60 6.31
CA GLU B 65 -26.10 7.58 6.96
C GLU B 65 -24.88 7.91 6.11
N SER B 66 -24.31 9.11 6.29
CA SER B 66 -23.07 9.46 5.61
C SER B 66 -21.92 8.78 6.33
N VAL B 67 -21.10 8.06 5.57
CA VAL B 67 -19.98 7.32 6.13
C VAL B 67 -18.74 7.53 5.28
N ASP B 68 -17.70 8.07 5.88
CA ASP B 68 -16.45 8.27 5.16
C ASP B 68 -15.69 6.96 5.06
N ILE B 69 -15.69 6.21 6.16
CA ILE B 69 -14.92 4.98 6.20
C ILE B 69 -15.57 3.90 7.06
N ALA B 70 -15.53 2.68 6.54
CA ALA B 70 -16.10 1.54 7.25
C ALA B 70 -14.96 0.60 7.64
N ILE B 71 -14.91 0.26 8.92
CA ILE B 71 -13.99 -0.75 9.43
C ILE B 71 -14.82 -2.01 9.61
N LEU B 72 -14.48 -3.05 8.87
CA LEU B 72 -15.31 -4.26 8.79
C LEU B 72 -14.57 -5.53 9.23
N ASP B 73 -15.10 -6.17 10.28
CA ASP B 73 -14.70 -7.54 10.63
C ASP B 73 -15.11 -8.46 9.49
N VAL B 74 -14.39 -9.55 9.28
CA VAL B 74 -14.83 -10.54 8.29
C VAL B 74 -15.90 -11.50 8.82
N GLU B 75 -15.53 -12.35 9.77
CA GLU B 75 -16.50 -13.33 10.26
C GLU B 75 -17.52 -12.73 11.25
N MET B 76 -18.70 -12.42 10.71
CA MET B 76 -19.82 -11.92 11.48
C MET B 76 -21.06 -12.68 11.07
N PRO B 77 -22.03 -12.81 11.99
CA PRO B 77 -23.29 -13.50 11.66
C PRO B 77 -24.11 -12.75 10.61
N VAL B 78 -25.00 -13.49 9.94
CA VAL B 78 -25.93 -12.95 8.95
C VAL B 78 -25.27 -12.53 7.63
N LYS B 79 -24.41 -11.52 7.69
CA LYS B 79 -23.57 -11.15 6.54
C LYS B 79 -22.14 -10.83 6.97
N THR B 80 -21.17 -11.32 6.22
CA THR B 80 -19.77 -11.06 6.53
C THR B 80 -19.32 -9.67 6.05
N GLY B 81 -18.18 -9.23 6.55
CA GLY B 81 -17.62 -7.94 6.15
C GLY B 81 -17.24 -7.94 4.68
N LEU B 82 -16.86 -9.10 4.16
CA LEU B 82 -16.58 -9.24 2.74
C LEU B 82 -17.84 -9.04 1.89
N GLU B 83 -19.00 -9.49 2.39
CA GLU B 83 -20.26 -9.29 1.68
C GLU B 83 -20.63 -7.83 1.67
N VAL B 84 -20.38 -7.16 2.79
CA VAL B 84 -20.64 -5.73 2.94
C VAL B 84 -19.79 -4.96 1.94
N LEU B 85 -18.51 -5.30 1.88
CA LEU B 85 -17.59 -4.70 0.91
C LEU B 85 -18.11 -4.88 -0.52
N GLU B 86 -18.48 -6.11 -0.87
CA GLU B 86 -19.01 -6.38 -2.19
C GLU B 86 -20.28 -5.58 -2.46
N TRP B 87 -21.15 -5.44 -1.45
CA TRP B 87 -22.35 -4.65 -1.63
C TRP B 87 -21.98 -3.19 -1.94
N ILE B 88 -21.04 -2.67 -1.16
CA ILE B 88 -20.56 -1.30 -1.36
C ILE B 88 -20.09 -1.10 -2.80
N ARG B 89 -19.31 -2.04 -3.31
CA ARG B 89 -18.80 -1.99 -4.69
C ARG B 89 -19.93 -2.09 -5.72
N SER B 90 -20.84 -3.03 -5.52
CA SER B 90 -21.89 -3.23 -6.50
C SER B 90 -22.84 -2.03 -6.55
N GLU B 91 -22.95 -1.32 -5.44
CA GLU B 91 -23.83 -0.15 -5.37
C GLU B 91 -23.09 1.15 -5.69
N LYS B 92 -21.80 1.02 -5.98
CA LYS B 92 -20.95 2.15 -6.33
C LYS B 92 -20.79 3.22 -5.25
N LEU B 93 -20.90 2.83 -3.98
CA LEU B 93 -20.58 3.76 -2.89
C LEU B 93 -19.08 4.07 -2.91
N GLU B 94 -18.72 5.28 -2.51
CA GLU B 94 -17.31 5.68 -2.47
C GLU B 94 -16.67 5.47 -1.08
N THR B 95 -17.46 4.92 -0.17
CA THR B 95 -16.98 4.62 1.19
C THR B 95 -15.60 3.94 1.17
N LYS B 96 -14.68 4.43 1.99
CA LYS B 96 -13.40 3.73 2.12
C LYS B 96 -13.62 2.52 3.02
N VAL B 97 -12.99 1.40 2.69
CA VAL B 97 -13.24 0.17 3.44
C VAL B 97 -11.95 -0.40 3.97
N VAL B 98 -11.92 -0.64 5.28
CA VAL B 98 -10.78 -1.25 5.94
C VAL B 98 -11.29 -2.52 6.59
N VAL B 99 -10.83 -3.66 6.11
CA VAL B 99 -11.16 -4.93 6.74
C VAL B 99 -10.17 -5.21 7.86
N VAL B 100 -10.71 -5.59 9.02
CA VAL B 100 -9.90 -5.91 10.19
C VAL B 100 -10.31 -7.32 10.62
N THR B 101 -9.37 -8.25 10.76
CA THR B 101 -9.75 -9.63 11.04
C THR B 101 -8.66 -10.38 11.80
N THR B 102 -9.04 -11.40 12.55
CA THR B 102 -8.02 -12.21 13.19
C THR B 102 -7.44 -13.21 12.18
N PHE B 103 -8.16 -13.43 11.10
CA PHE B 103 -7.90 -14.59 10.23
C PHE B 103 -6.92 -14.35 9.09
N LYS B 104 -5.94 -15.25 8.98
CA LYS B 104 -4.93 -15.16 7.94
C LYS B 104 -5.30 -16.06 6.76
N ARG B 105 -6.59 -16.35 6.62
CA ARG B 105 -7.07 -17.17 5.52
C ARG B 105 -6.86 -16.45 4.18
N ALA B 106 -6.18 -17.13 3.26
CA ALA B 106 -5.83 -16.53 1.98
C ALA B 106 -7.06 -16.13 1.16
N GLY B 107 -8.11 -16.94 1.22
CA GLY B 107 -9.32 -16.70 0.47
C GLY B 107 -10.05 -15.43 0.86
N TYR B 108 -10.02 -15.10 2.15
CA TYR B 108 -10.62 -13.85 2.63
C TYR B 108 -9.89 -12.67 2.01
N PHE B 109 -8.56 -12.73 2.04
CA PHE B 109 -7.74 -11.65 1.50
C PHE B 109 -7.95 -11.51 -0.01
N GLU B 110 -7.84 -12.63 -0.73
CA GLU B 110 -8.02 -12.62 -2.18
C GLU B 110 -9.37 -12.02 -2.55
N ARG B 111 -10.40 -12.40 -1.80
CA ARG B 111 -11.77 -11.96 -2.06
C ARG B 111 -11.91 -10.47 -1.82
N ALA B 112 -11.27 -9.97 -0.76
CA ALA B 112 -11.26 -8.55 -0.45
C ALA B 112 -10.52 -7.73 -1.51
N VAL B 113 -9.39 -8.24 -1.97
CA VAL B 113 -8.64 -7.53 -2.99
C VAL B 113 -9.39 -7.49 -4.34
N LYS B 114 -9.99 -8.62 -4.73
CA LYS B 114 -10.81 -8.65 -5.94
C LYS B 114 -11.91 -7.60 -5.84
N ALA B 115 -12.39 -7.39 -4.62
CA ALA B 115 -13.45 -6.41 -4.38
C ALA B 115 -12.91 -5.01 -4.12
N GLY B 116 -11.63 -4.78 -4.40
CA GLY B 116 -11.05 -3.46 -4.29
C GLY B 116 -11.05 -2.84 -2.90
N VAL B 117 -10.81 -3.67 -1.89
CA VAL B 117 -10.70 -3.17 -0.53
C VAL B 117 -9.57 -2.14 -0.44
N ASP B 118 -9.75 -1.13 0.40
CA ASP B 118 -8.73 -0.12 0.60
C ASP B 118 -7.62 -0.53 1.56
N ALA B 119 -7.99 -1.28 2.60
CA ALA B 119 -6.98 -1.75 3.54
C ALA B 119 -7.38 -3.08 4.18
N TYR B 120 -6.39 -3.92 4.49
CA TYR B 120 -6.65 -5.21 5.09
C TYR B 120 -5.70 -5.33 6.27
N VAL B 121 -6.25 -5.39 7.47
CA VAL B 121 -5.45 -5.31 8.69
C VAL B 121 -5.78 -6.50 9.57
N LEU B 122 -4.74 -7.18 10.06
CA LEU B 122 -4.95 -8.26 11.03
C LEU B 122 -5.09 -7.67 12.42
N LYS B 123 -5.88 -8.33 13.26
CA LYS B 123 -6.05 -7.92 14.66
C LYS B 123 -4.81 -8.17 15.51
N GLU B 124 -3.74 -8.67 14.87
CA GLU B 124 -2.40 -8.71 15.48
C GLU B 124 -1.78 -7.31 15.58
N ARG B 125 -2.32 -6.38 14.79
CA ARG B 125 -1.86 -4.98 14.79
C ARG B 125 -2.41 -4.22 15.99
N SER B 126 -1.79 -3.08 16.30
CA SER B 126 -2.21 -2.27 17.44
C SER B 126 -3.28 -1.28 17.02
N ILE B 127 -3.81 -0.58 18.01
CA ILE B 127 -4.79 0.47 17.78
C ILE B 127 -4.14 1.66 17.07
N ALA B 128 -2.92 1.98 17.47
CA ALA B 128 -2.14 3.01 16.78
C ALA B 128 -1.91 2.63 15.32
N ASP B 129 -1.62 1.34 15.07
CA ASP B 129 -1.50 0.84 13.70
C ASP B 129 -2.78 1.09 12.91
N LEU B 130 -3.91 0.70 13.49
CA LEU B 130 -5.21 0.87 12.87
C LEU B 130 -5.44 2.34 12.53
N MET B 131 -5.13 3.22 13.47
CA MET B 131 -5.29 4.66 13.27
C MET B 131 -4.51 5.18 12.07
N GLN B 132 -3.25 4.75 11.95
CA GLN B 132 -2.45 5.10 10.78
C GLN B 132 -3.11 4.62 9.49
N THR B 133 -3.62 3.38 9.52
CA THR B 133 -4.29 2.82 8.38
C THR B 133 -5.44 3.71 7.93
N LEU B 134 -6.25 4.16 8.89
CA LEU B 134 -7.37 5.03 8.58
C LEU B 134 -6.91 6.29 7.84
N HIS B 135 -5.83 6.90 8.33
CA HIS B 135 -5.24 8.08 7.69
C HIS B 135 -4.78 7.75 6.27
N THR B 136 -4.07 6.63 6.12
CA THR B 136 -3.61 6.17 4.82
C THR B 136 -4.72 6.05 3.77
N VAL B 137 -5.85 5.41 4.11
CA VAL B 137 -6.90 5.23 3.11
C VAL B 137 -7.69 6.52 2.86
N LEU B 138 -7.81 7.36 3.87
CA LEU B 138 -8.45 8.67 3.69
C LEU B 138 -7.66 9.50 2.70
N GLU B 139 -6.39 9.18 2.53
CA GLU B 139 -5.52 9.90 1.61
C GLU B 139 -5.39 9.18 0.26
N GLY B 140 -6.41 8.40 -0.08
CA GLY B 140 -6.45 7.70 -1.35
C GLY B 140 -5.44 6.59 -1.52
N ARG B 141 -4.74 6.23 -0.44
CA ARG B 141 -3.75 5.15 -0.52
C ARG B 141 -4.32 3.81 -0.03
N LYS B 142 -3.54 2.75 -0.20
CA LYS B 142 -3.97 1.45 0.27
C LYS B 142 -2.94 0.82 1.20
N GLU B 143 -3.39 -0.16 1.99
CA GLU B 143 -2.49 -0.86 2.88
C GLU B 143 -2.90 -2.32 3.05
N TYR B 144 -1.98 -3.22 2.72
CA TYR B 144 -2.22 -4.64 2.78
C TYR B 144 -1.34 -5.31 3.81
N SER B 145 -1.97 -6.09 4.71
CA SER B 145 -1.23 -6.88 5.68
C SER B 145 -0.01 -7.54 5.04
N PRO B 146 1.18 -7.14 5.51
CA PRO B 146 2.44 -7.74 5.09
C PRO B 146 2.38 -9.26 5.21
N GLU B 147 1.83 -9.75 6.31
CA GLU B 147 1.71 -11.19 6.54
C GLU B 147 0.94 -11.89 5.43
N LEU B 148 -0.07 -11.20 4.89
CA LEU B 148 -0.92 -11.79 3.86
C LEU B 148 -0.37 -11.65 2.44
N MET B 149 0.23 -10.50 2.13
CA MET B 149 1.04 -10.37 0.92
C MET B 149 2.02 -11.53 1.00
N GLU B 150 2.58 -11.71 2.19
CA GLU B 150 3.28 -12.92 2.58
C GLU B 150 4.56 -13.18 1.81
MG MG C . 14.75 -2.42 -19.35
BE BEF D . 11.97 -2.75 -17.39
F1 BEF D . 11.59 -3.81 -16.58
F2 BEF D . 10.88 -1.97 -17.74
F3 BEF D . 12.72 -3.16 -18.47
MG MG E . -16.08 -11.93 14.19
BE BEF F . -13.21 -11.28 12.28
F1 BEF F . -12.07 -11.09 13.05
F2 BEF F . -14.06 -12.16 12.91
F3 BEF F . -12.98 -11.66 10.96
#